data_8HJA
#
_entry.id   8HJA
#
_cell.length_a   96.327
_cell.length_b   55.978
_cell.length_c   91.692
_cell.angle_alpha   90.00
_cell.angle_beta   111.97
_cell.angle_gamma   90.00
#
_symmetry.space_group_name_H-M   'C 1 2 1'
#
loop_
_entity.id
_entity.type
_entity.pdbx_description
1 polymer 'c-di-GMP receptor'
2 non-polymer "9,9'-[(2R,3R,3aS,5S,7aR,9R,10R,10aS,12S,14aR)-3,5,10,12-tetrahydroxy-5,12-dioxidooctahydro-2H,7H-difuro[3,2-d:3',2'-j][1,3,7,9,2,8]tetraoxadiphosphacyclododecine-2,9-diyl]bis(2-amino-1,9-dihydro-6H-purin-6-one)"
3 water water
#
_entity_poly.entity_id   1
_entity_poly.type   'polypeptide(L)'
_entity_poly.pdbx_seq_one_letter_code
;(MSE)SIQEIFTKALQDGYLTPA(MSE)EAEVGRLCESGVDLDQGEYEALDRL(MSE)AALLAGDVVA(MSE)PHKKFIN
V(MSE)EE(MSE)VLTEVVSQVSKYQKTTEKQPDIADIAAYALNRLPPLYATSEEGAEYQRQRASEELEFLIQQQVKDGL
GRYFDRPQIADRKPLEPLVKQDLISQ(MSE)ALLLEALAQDHHHHHH
;
_entity_poly.pdbx_strand_id   A,B
#
loop_
_chem_comp.id
_chem_comp.type
_chem_comp.name
_chem_comp.formula
C2E non-polymer 9,9'-[(2R,3R,3aS,5S,7aR,9R,10R,10aS,12S,14aR)-3,5,10,12-tetrahydroxy-5,12-dioxidooctahydro-2H,7H-difuro[3,2-d:3',2'-j][1,3,7,9,2,8]tetraoxadiphosphacyclododecine-2,9-diyl]bis(2-amino-1,9-dihydro-6H-purin-6-one) 'C20 H24 N10 O14 P2'
#
# COMPACT_ATOMS: atom_id res chain seq x y z
N MSE A 1 9.01 -18.14 13.38
CA MSE A 1 7.82 -18.03 12.50
C MSE A 1 6.77 -19.09 12.84
O MSE A 1 5.75 -19.19 12.17
CB MSE A 1 8.24 -18.10 11.02
CG MSE A 1 9.12 -19.26 10.63
SE MSE A 1 9.28 -19.39 8.66
CE MSE A 1 9.53 -17.49 8.21
N SER A 2 7.01 -19.88 13.88
CA SER A 2 5.92 -20.46 14.66
C SER A 2 5.04 -19.37 15.25
N ILE A 3 3.74 -19.59 15.30
CA ILE A 3 2.86 -18.52 15.75
C ILE A 3 3.01 -18.29 17.26
N GLN A 4 3.58 -19.25 17.99
CA GLN A 4 3.92 -19.02 19.39
C GLN A 4 5.06 -17.99 19.44
N GLU A 5 6.05 -18.16 18.55
CA GLU A 5 7.23 -17.32 18.52
C GLU A 5 6.83 -15.89 18.17
N ILE A 6 5.97 -15.79 17.15
CA ILE A 6 5.42 -14.52 16.72
C ILE A 6 4.73 -13.82 17.89
N PHE A 7 3.84 -14.53 18.61
CA PHE A 7 3.20 -13.96 19.78
C PHE A 7 4.23 -13.44 20.79
N THR A 8 5.19 -14.29 21.13
CA THR A 8 6.32 -13.96 22.00
C THR A 8 6.96 -12.62 21.62
N LYS A 9 7.54 -12.58 20.43
CA LYS A 9 8.33 -11.45 19.97
C LYS A 9 7.44 -10.20 19.86
N ALA A 10 6.31 -10.35 19.17
CA ALA A 10 5.39 -9.25 19.02
C ALA A 10 5.14 -8.63 20.38
N LEU A 11 4.85 -9.44 21.41
CA LEU A 11 4.47 -8.87 22.72
C LEU A 11 5.68 -8.15 23.34
N GLN A 12 6.84 -8.81 23.23
CA GLN A 12 8.08 -8.27 23.79
C GLN A 12 8.38 -6.91 23.14
N ASP A 13 8.51 -6.92 21.80
CA ASP A 13 9.01 -5.78 21.06
C ASP A 13 7.89 -4.76 20.86
N GLY A 14 6.63 -5.21 20.86
CA GLY A 14 5.49 -4.29 20.81
C GLY A 14 5.04 -3.87 19.42
N TYR A 15 5.68 -4.42 18.38
CA TYR A 15 5.16 -4.48 17.01
C TYR A 15 4.89 -5.85 16.41
N LEU A 16 4.14 -5.83 15.32
CA LEU A 16 4.07 -6.89 14.34
C LEU A 16 4.69 -6.40 13.02
N THR A 17 5.93 -6.78 12.71
CA THR A 17 6.60 -6.35 11.49
C THR A 17 5.90 -6.91 10.26
N PRO A 18 6.17 -6.37 9.04
CA PRO A 18 5.65 -6.94 7.79
C PRO A 18 6.04 -8.40 7.59
N ALA A 19 7.23 -8.82 8.04
CA ALA A 19 7.58 -10.23 7.90
C ALA A 19 6.64 -11.07 8.76
N MSE A 20 6.37 -10.58 9.97
CA MSE A 20 5.54 -11.33 10.90
C MSE A 20 4.10 -11.30 10.41
O MSE A 20 3.45 -12.34 10.44
CB MSE A 20 5.71 -10.78 12.33
CG MSE A 20 7.06 -11.08 12.96
SE MSE A 20 7.43 -9.90 14.50
CE MSE A 20 5.87 -10.31 15.59
N GLU A 21 3.61 -10.13 9.94
CA GLU A 21 2.28 -10.02 9.34
C GLU A 21 2.11 -10.98 8.17
N ALA A 22 3.16 -11.17 7.37
CA ALA A 22 3.11 -12.12 6.26
C ALA A 22 3.01 -13.56 6.75
N GLU A 23 3.88 -14.00 7.67
CA GLU A 23 3.79 -15.36 8.20
C GLU A 23 2.42 -15.64 8.85
N VAL A 24 1.81 -14.67 9.54
CA VAL A 24 0.46 -14.84 10.07
C VAL A 24 -0.58 -14.85 8.94
N GLY A 25 -0.38 -14.05 7.89
CA GLY A 25 -1.24 -14.09 6.71
C GLY A 25 -1.28 -15.49 6.06
N ARG A 26 -0.12 -15.97 5.61
CA ARG A 26 -0.03 -17.25 4.91
C ARG A 26 -0.53 -18.38 5.81
N LEU A 27 -0.25 -18.27 7.12
CA LEU A 27 -0.59 -19.30 8.09
C LEU A 27 -2.09 -19.55 8.26
N CYS A 28 -2.88 -18.58 7.78
CA CYS A 28 -4.33 -18.65 7.69
C CYS A 28 -4.93 -19.05 6.33
N GLU A 29 -4.81 -20.34 6.01
CA GLU A 29 -4.93 -20.82 4.64
C GLU A 29 -5.61 -22.19 4.58
N SER A 30 -6.39 -22.48 5.62
CA SER A 30 -7.07 -23.80 5.73
C SER A 30 -6.04 -24.91 5.63
N GLY A 31 -5.21 -25.07 6.67
CA GLY A 31 -4.23 -26.17 6.72
C GLY A 31 -4.24 -26.77 8.11
N VAL A 32 -3.21 -27.51 8.53
CA VAL A 32 -3.23 -28.02 9.92
C VAL A 32 -2.77 -26.93 10.87
N ASP A 33 -3.25 -26.98 12.12
CA ASP A 33 -2.78 -26.05 13.17
C ASP A 33 -2.42 -27.05 14.27
N LEU A 34 -1.82 -26.61 15.37
CA LEU A 34 -1.80 -27.40 16.62
C LEU A 34 -3.27 -27.45 17.03
N ASP A 35 -4.02 -26.39 16.74
CA ASP A 35 -5.48 -26.36 17.00
C ASP A 35 -5.58 -26.09 18.50
N GLN A 36 -4.45 -26.08 19.19
CA GLN A 36 -4.44 -25.72 20.63
C GLN A 36 -3.42 -24.66 21.03
N GLY A 37 -2.19 -24.80 20.58
CA GLY A 37 -1.14 -23.88 21.03
C GLY A 37 -0.91 -22.90 19.90
N GLU A 38 -1.04 -23.38 18.67
CA GLU A 38 -1.12 -22.50 17.48
C GLU A 38 -2.43 -21.72 17.57
N TYR A 39 -3.52 -22.37 17.94
CA TYR A 39 -4.81 -21.69 17.99
C TYR A 39 -4.79 -20.63 19.11
N GLU A 40 -4.22 -20.99 20.27
CA GLU A 40 -4.27 -20.16 21.45
C GLU A 40 -3.40 -18.93 21.22
N ALA A 41 -2.22 -19.15 20.62
CA ALA A 41 -1.24 -18.10 20.35
C ALA A 41 -1.88 -17.02 19.47
N LEU A 42 -2.60 -17.47 18.42
CA LEU A 42 -3.27 -16.54 17.51
C LEU A 42 -4.33 -15.78 18.29
N ASP A 43 -4.99 -16.44 19.25
CA ASP A 43 -6.05 -15.75 19.97
C ASP A 43 -5.44 -14.76 20.96
N ARG A 44 -4.26 -15.07 21.54
CA ARG A 44 -3.60 -14.13 22.44
C ARG A 44 -3.08 -12.90 21.69
N LEU A 45 -2.36 -13.13 20.58
CA LEU A 45 -2.04 -12.04 19.65
C LEU A 45 -3.26 -11.17 19.39
N MSE A 46 -4.40 -11.79 19.09
CA MSE A 46 -5.64 -11.04 18.87
C MSE A 46 -5.89 -10.10 20.03
O MSE A 46 -6.04 -8.91 19.80
CB MSE A 46 -6.85 -11.96 18.68
CG MSE A 46 -8.16 -11.21 18.31
SE MSE A 46 -8.09 -10.22 16.56
CE MSE A 46 -9.31 -8.74 16.97
N ALA A 47 -5.96 -10.64 21.27
CA ALA A 47 -6.29 -9.87 22.47
C ALA A 47 -5.30 -8.73 22.68
N ALA A 48 -4.02 -8.98 22.35
CA ALA A 48 -2.97 -7.99 22.49
C ALA A 48 -3.11 -6.90 21.43
N LEU A 49 -3.31 -7.31 20.16
CA LEU A 49 -3.65 -6.34 19.12
C LEU A 49 -4.81 -5.45 19.57
N LEU A 50 -5.88 -6.05 20.08
CA LEU A 50 -7.09 -5.29 20.46
C LEU A 50 -6.82 -4.37 21.64
N ALA A 51 -5.96 -4.79 22.56
CA ALA A 51 -5.62 -3.98 23.72
C ALA A 51 -4.83 -2.76 23.24
N GLY A 52 -3.95 -2.97 22.25
CA GLY A 52 -3.00 -1.97 21.80
C GLY A 52 -1.60 -2.26 22.32
N ASP A 53 -1.35 -3.50 22.77
CA ASP A 53 -0.02 -3.89 23.25
C ASP A 53 0.95 -4.45 22.20
N VAL A 54 0.39 -4.96 21.10
CA VAL A 54 1.08 -5.15 19.84
C VAL A 54 0.45 -4.17 18.86
N VAL A 55 1.26 -3.22 18.36
CA VAL A 55 0.84 -2.34 17.27
C VAL A 55 1.16 -3.04 15.95
N ALA A 56 0.11 -3.31 15.14
CA ALA A 56 0.28 -3.80 13.77
C ALA A 56 0.56 -2.63 12.82
N MSE A 57 1.01 -2.98 11.61
CA MSE A 57 1.44 -1.96 10.65
C MSE A 57 0.23 -1.16 10.19
O MSE A 57 -0.82 -1.71 9.84
CB MSE A 57 2.20 -2.63 9.49
CG MSE A 57 3.51 -3.29 9.90
SE MSE A 57 4.81 -2.00 10.66
CE MSE A 57 4.25 -2.02 12.60
N PRO A 58 0.28 0.18 10.28
CA PRO A 58 -0.92 0.98 10.03
C PRO A 58 -0.88 1.04 8.49
N HIS A 59 -1.74 0.26 7.83
CA HIS A 59 -1.69 0.05 6.38
C HIS A 59 -2.79 1.00 5.92
N LYS A 60 -3.89 1.06 6.69
CA LYS A 60 -5.08 1.77 6.28
C LYS A 60 -4.92 3.27 6.47
N LYS A 61 -3.83 3.69 7.15
CA LYS A 61 -3.71 5.05 7.64
C LYS A 61 -2.86 5.94 6.74
N PHE A 62 -2.34 5.41 5.64
CA PHE A 62 -1.58 6.24 4.71
C PHE A 62 -1.89 5.69 3.34
N ILE A 63 -1.95 6.57 2.33
CA ILE A 63 -2.34 6.14 1.01
C ILE A 63 -1.60 6.98 -0.01
N ASN A 64 -1.22 6.34 -1.12
CA ASN A 64 -0.67 7.05 -2.27
C ASN A 64 -1.84 7.65 -3.03
N VAL A 65 -2.12 8.93 -2.84
CA VAL A 65 -3.19 9.56 -3.59
C VAL A 65 -3.05 9.33 -5.11
N MSE A 66 -1.82 9.10 -5.63
CA MSE A 66 -1.59 8.98 -7.06
C MSE A 66 -2.31 7.76 -7.65
O MSE A 66 -2.51 7.69 -8.87
CB MSE A 66 -0.09 8.95 -7.35
CG MSE A 66 0.30 8.80 -8.84
SE MSE A 66 -0.42 10.31 -9.92
CE MSE A 66 1.10 11.54 -9.85
N GLU A 67 -2.62 6.74 -6.82
CA GLU A 67 -3.35 5.57 -7.27
C GLU A 67 -4.79 5.96 -7.68
N GLU A 68 -5.43 6.86 -6.95
CA GLU A 68 -6.75 7.35 -7.33
C GLU A 68 -6.72 8.01 -8.73
N MSE A 69 -5.79 8.95 -8.92
CA MSE A 69 -5.58 9.66 -10.18
C MSE A 69 -5.29 8.67 -11.29
O MSE A 69 -5.79 8.77 -12.39
CB MSE A 69 -4.39 10.61 -10.09
CG MSE A 69 -4.24 11.39 -8.80
SE MSE A 69 -5.82 12.54 -8.49
CE MSE A 69 -5.46 13.86 -9.88
N VAL A 70 -4.49 7.67 -11.02
CA VAL A 70 -4.07 6.82 -12.10
C VAL A 70 -5.25 5.94 -12.53
N LEU A 71 -5.97 5.40 -11.54
CA LEU A 71 -7.07 4.48 -11.76
C LEU A 71 -8.18 5.16 -12.57
N THR A 72 -8.43 6.43 -12.23
CA THR A 72 -9.42 7.24 -12.89
C THR A 72 -8.99 7.52 -14.33
N GLU A 73 -7.68 7.67 -14.59
CA GLU A 73 -7.20 7.96 -15.93
C GLU A 73 -7.23 6.70 -16.78
N VAL A 74 -7.03 5.53 -16.16
CA VAL A 74 -6.97 4.28 -16.91
C VAL A 74 -8.37 3.91 -17.42
N VAL A 75 -9.37 4.05 -16.54
CA VAL A 75 -10.77 3.84 -16.87
C VAL A 75 -11.13 4.78 -18.04
N SER A 76 -10.78 6.05 -17.90
CA SER A 76 -10.98 7.02 -18.96
C SER A 76 -10.39 6.56 -20.30
N GLN A 77 -9.21 5.93 -20.29
CA GLN A 77 -8.53 5.54 -21.52
C GLN A 77 -8.99 4.16 -22.02
N VAL A 78 -9.39 3.23 -21.14
CA VAL A 78 -9.71 1.89 -21.62
C VAL A 78 -11.19 1.82 -22.00
N SER A 79 -11.98 2.80 -21.53
CA SER A 79 -13.44 2.76 -21.60
C SER A 79 -13.96 2.56 -23.02
N LYS A 80 -13.34 3.25 -24.00
CA LYS A 80 -13.73 3.24 -25.39
C LYS A 80 -13.45 1.90 -26.06
N TYR A 81 -12.74 1.00 -25.37
CA TYR A 81 -12.34 -0.27 -25.95
C TYR A 81 -13.25 -1.38 -25.44
N GLN A 82 -14.27 -1.08 -24.64
CA GLN A 82 -14.94 -2.10 -23.84
C GLN A 82 -15.53 -3.19 -24.72
N LYS A 83 -16.21 -2.79 -25.82
CA LYS A 83 -16.98 -3.73 -26.63
C LYS A 83 -16.08 -4.45 -27.64
N THR A 84 -14.94 -3.81 -27.94
CA THR A 84 -14.07 -4.21 -29.05
C THR A 84 -13.46 -5.58 -28.80
N THR A 85 -13.40 -6.01 -27.53
CA THR A 85 -12.42 -7.03 -27.17
C THR A 85 -12.92 -7.91 -26.00
N GLU A 86 -12.95 -9.21 -26.25
CA GLU A 86 -13.24 -10.15 -25.15
C GLU A 86 -11.96 -10.14 -24.35
N LYS A 87 -12.04 -10.25 -23.02
CA LYS A 87 -10.84 -10.11 -22.13
C LYS A 87 -10.89 -8.58 -22.27
N GLN A 88 -11.32 -7.90 -21.20
CA GLN A 88 -11.14 -6.45 -21.04
C GLN A 88 -9.68 -6.28 -20.63
N PRO A 89 -9.06 -5.09 -20.85
CA PRO A 89 -7.72 -4.78 -20.36
C PRO A 89 -7.50 -4.91 -18.85
N ASP A 90 -6.26 -5.24 -18.50
CA ASP A 90 -5.88 -5.45 -17.11
C ASP A 90 -5.58 -4.09 -16.51
N ILE A 91 -6.52 -3.57 -15.72
CA ILE A 91 -6.40 -2.27 -15.11
C ILE A 91 -5.19 -2.23 -14.19
N ALA A 92 -4.97 -3.29 -13.42
CA ALA A 92 -3.91 -3.36 -12.42
C ALA A 92 -2.57 -3.22 -13.11
N ASP A 93 -2.39 -3.96 -14.21
CA ASP A 93 -1.17 -3.96 -15.03
C ASP A 93 -0.84 -2.56 -15.55
N ILE A 94 -1.86 -1.88 -16.05
CA ILE A 94 -1.70 -0.57 -16.64
C ILE A 94 -1.35 0.44 -15.55
N ALA A 95 -2.04 0.39 -14.39
CA ALA A 95 -1.84 1.42 -13.35
C ALA A 95 -0.49 1.23 -12.66
N ALA A 96 -0.14 -0.03 -12.39
CA ALA A 96 1.15 -0.31 -11.80
C ALA A 96 2.33 0.14 -12.70
N TYR A 97 2.22 -0.06 -14.03
CA TYR A 97 3.24 0.42 -14.98
C TYR A 97 3.39 1.92 -14.79
N ALA A 98 2.27 2.63 -14.76
CA ALA A 98 2.32 4.07 -14.73
C ALA A 98 2.82 4.57 -13.38
N LEU A 99 2.36 3.93 -12.29
CA LEU A 99 2.63 4.35 -10.93
C LEU A 99 4.12 4.31 -10.67
N ASN A 100 4.78 3.33 -11.26
CA ASN A 100 6.22 3.24 -11.23
C ASN A 100 6.94 4.36 -11.99
N ARG A 101 6.25 5.17 -12.80
CA ARG A 101 6.91 6.24 -13.56
C ARG A 101 6.32 7.60 -13.22
N LEU A 102 5.70 7.72 -12.05
CA LEU A 102 5.05 8.94 -11.60
C LEU A 102 5.56 9.24 -10.22
N PRO A 103 5.57 10.48 -9.75
CA PRO A 103 5.93 10.75 -8.36
C PRO A 103 4.95 10.09 -7.38
N PRO A 104 5.39 9.63 -6.19
CA PRO A 104 4.45 9.18 -5.17
C PRO A 104 3.81 10.40 -4.51
N LEU A 105 2.57 10.23 -4.04
CA LEU A 105 1.76 11.29 -3.44
C LEU A 105 1.07 10.75 -2.18
N TYR A 106 1.88 10.32 -1.21
CA TYR A 106 1.37 9.68 -0.01
C TYR A 106 0.83 10.76 0.90
N ALA A 107 -0.23 10.43 1.65
CA ALA A 107 -0.77 11.34 2.64
C ALA A 107 -1.39 10.56 3.81
N THR A 108 -1.54 11.24 4.96
CA THR A 108 -2.16 10.69 6.16
C THR A 108 -3.43 11.43 6.56
N SER A 109 -3.62 12.67 6.08
CA SER A 109 -4.82 13.46 6.39
C SER A 109 -5.72 13.57 5.17
N GLU A 110 -6.90 14.17 5.38
CA GLU A 110 -7.81 14.57 4.31
C GLU A 110 -7.25 15.80 3.60
N GLU A 111 -6.56 16.67 4.36
CA GLU A 111 -6.03 17.92 3.85
C GLU A 111 -4.80 17.63 3.00
N GLY A 112 -3.93 16.74 3.50
CA GLY A 112 -2.84 16.22 2.70
C GLY A 112 -3.32 15.56 1.41
N ALA A 113 -4.30 14.66 1.49
CA ALA A 113 -4.83 14.06 0.27
C ALA A 113 -5.33 15.14 -0.69
N GLU A 114 -5.82 16.26 -0.16
CA GLU A 114 -6.31 17.32 -1.02
C GLU A 114 -5.16 18.03 -1.72
N TYR A 115 -4.10 18.41 -0.96
CA TYR A 115 -2.96 19.05 -1.58
C TYR A 115 -2.35 18.18 -2.68
N GLN A 116 -2.45 16.86 -2.54
CA GLN A 116 -1.81 15.95 -3.47
C GLN A 116 -2.65 15.81 -4.74
N ARG A 117 -3.99 15.85 -4.61
CA ARG A 117 -4.83 15.96 -5.79
C ARG A 117 -4.62 17.32 -6.46
N GLN A 118 -4.47 18.39 -5.68
CA GLN A 118 -4.21 19.69 -6.27
C GLN A 118 -2.93 19.64 -7.08
N ARG A 119 -1.86 19.06 -6.52
CA ARG A 119 -0.61 19.00 -7.25
C ARG A 119 -0.82 18.22 -8.53
N ALA A 120 -1.58 17.11 -8.47
CA ALA A 120 -1.73 16.26 -9.63
C ALA A 120 -2.50 17.01 -10.72
N SER A 121 -3.55 17.74 -10.32
CA SER A 121 -4.40 18.47 -11.26
C SER A 121 -3.58 19.53 -12.00
N GLU A 122 -2.84 20.33 -11.25
CA GLU A 122 -2.27 21.55 -11.78
C GLU A 122 -0.91 21.32 -12.43
N GLU A 123 -0.26 20.17 -12.22
CA GLU A 123 1.11 20.00 -12.70
C GLU A 123 1.35 18.69 -13.44
N LEU A 124 0.64 17.61 -13.04
CA LEU A 124 1.08 16.29 -13.46
C LEU A 124 0.07 15.70 -14.44
N GLU A 125 -0.97 16.47 -14.78
CA GLU A 125 -2.10 15.98 -15.53
C GLU A 125 -1.62 15.34 -16.83
N PHE A 126 -0.85 16.05 -17.64
CA PHE A 126 -0.33 15.48 -18.88
C PHE A 126 0.64 14.30 -18.62
N LEU A 127 1.55 14.46 -17.65
CA LEU A 127 2.46 13.38 -17.30
C LEU A 127 1.72 12.08 -16.97
N ILE A 128 0.63 12.19 -16.20
CA ILE A 128 -0.18 11.03 -15.86
C ILE A 128 -0.79 10.40 -17.10
N GLN A 129 -1.43 11.23 -17.94
CA GLN A 129 -2.02 10.80 -19.20
C GLN A 129 -1.00 10.03 -20.01
N GLN A 130 0.24 10.53 -20.09
CA GLN A 130 1.25 9.91 -20.93
C GLN A 130 1.72 8.60 -20.34
N GLN A 131 1.87 8.52 -19.02
CA GLN A 131 2.26 7.23 -18.43
C GLN A 131 1.12 6.20 -18.55
N VAL A 132 -0.13 6.64 -18.43
CA VAL A 132 -1.20 5.66 -18.54
C VAL A 132 -1.28 5.13 -19.98
N LYS A 133 -1.10 6.03 -20.96
CA LYS A 133 -1.04 5.67 -22.37
C LYS A 133 0.11 4.70 -22.62
N ASP A 134 1.29 4.97 -22.08
CA ASP A 134 2.38 4.01 -22.28
C ASP A 134 2.05 2.68 -21.64
N GLY A 135 1.42 2.71 -20.44
CA GLY A 135 1.01 1.48 -19.80
C GLY A 135 -0.01 0.70 -20.65
N LEU A 136 -1.05 1.43 -21.14
CA LEU A 136 -2.09 0.84 -21.97
C LEU A 136 -1.45 0.25 -23.21
N GLY A 137 -0.43 0.94 -23.73
CA GLY A 137 0.24 0.49 -24.93
C GLY A 137 0.96 -0.85 -24.74
N ARG A 138 1.77 -0.93 -23.67
CA ARG A 138 2.46 -2.13 -23.24
C ARG A 138 1.51 -3.30 -22.94
N TYR A 139 0.33 -3.00 -22.35
CA TYR A 139 -0.71 -4.01 -22.20
C TYR A 139 -1.15 -4.57 -23.56
N PHE A 140 -1.52 -3.72 -24.53
CA PHE A 140 -2.06 -4.26 -25.78
C PHE A 140 -0.98 -5.02 -26.50
N ASP A 141 0.27 -4.60 -26.31
CA ASP A 141 1.39 -5.31 -26.87
C ASP A 141 1.51 -6.68 -26.22
N ARG A 142 1.42 -6.76 -24.88
CA ARG A 142 1.68 -8.04 -24.20
C ARG A 142 0.66 -8.24 -23.07
N PRO A 143 -0.60 -8.60 -23.39
CA PRO A 143 -1.66 -8.67 -22.37
C PRO A 143 -1.44 -9.66 -21.23
N GLN A 144 -0.65 -10.70 -21.50
CA GLN A 144 -0.35 -11.77 -20.56
C GLN A 144 1.15 -12.05 -20.58
N ILE A 145 1.83 -11.71 -19.46
CA ILE A 145 3.23 -12.04 -19.25
C ILE A 145 3.30 -13.47 -18.73
N ALA A 146 4.20 -14.29 -19.28
CA ALA A 146 4.25 -15.70 -18.90
C ALA A 146 4.99 -15.86 -17.57
N ASP A 147 4.51 -16.79 -16.73
CA ASP A 147 5.16 -17.23 -15.49
C ASP A 147 5.00 -16.29 -14.31
N ARG A 148 4.04 -15.44 -14.33
CA ARG A 148 3.42 -14.76 -13.20
C ARG A 148 2.20 -15.32 -12.48
N LYS A 149 2.31 -15.52 -11.16
CA LYS A 149 1.17 -15.70 -10.28
C LYS A 149 0.76 -14.32 -9.78
N PRO A 150 -0.52 -13.93 -9.93
CA PRO A 150 -0.98 -12.67 -9.35
C PRO A 150 -1.04 -12.60 -7.83
N LEU A 151 -0.90 -11.39 -7.30
CA LEU A 151 -1.09 -11.17 -5.86
C LEU A 151 -2.58 -10.99 -5.60
N GLU A 152 -3.01 -11.07 -4.33
CA GLU A 152 -4.45 -10.92 -3.97
C GLU A 152 -4.55 -10.30 -2.57
N PHE B 7 -25.77 3.61 -10.28
CA PHE B 7 -25.71 2.23 -10.76
C PHE B 7 -25.86 2.17 -12.28
N THR B 8 -26.67 3.07 -12.83
CA THR B 8 -26.98 3.07 -14.24
C THR B 8 -25.76 3.51 -15.07
N LYS B 9 -24.92 4.40 -14.48
CA LYS B 9 -23.88 5.11 -15.19
C LYS B 9 -22.72 4.15 -15.46
N ALA B 10 -22.22 3.50 -14.40
CA ALA B 10 -21.20 2.47 -14.51
C ALA B 10 -21.65 1.34 -15.43
N LEU B 11 -22.96 1.10 -15.47
CA LEU B 11 -23.53 0.07 -16.38
C LEU B 11 -23.25 0.49 -17.82
N GLN B 12 -23.31 1.80 -18.09
CA GLN B 12 -23.08 2.29 -19.44
C GLN B 12 -21.60 2.63 -19.66
N ASP B 13 -20.88 3.29 -18.71
CA ASP B 13 -19.47 3.66 -18.95
C ASP B 13 -18.52 2.49 -18.69
N GLY B 14 -19.08 1.41 -18.12
CA GLY B 14 -18.45 0.10 -18.21
C GLY B 14 -17.36 -0.23 -17.19
N TYR B 15 -17.05 0.71 -16.26
CA TYR B 15 -16.05 0.45 -15.21
C TYR B 15 -16.42 1.17 -13.91
N LEU B 16 -16.15 0.55 -12.76
CA LEU B 16 -16.52 1.19 -11.49
C LEU B 16 -15.39 2.10 -11.01
N THR B 17 -15.57 3.43 -11.20
CA THR B 17 -14.48 4.39 -11.18
C THR B 17 -14.29 4.92 -9.76
N PRO B 18 -13.02 5.24 -9.36
CA PRO B 18 -12.67 5.73 -8.01
C PRO B 18 -13.48 6.81 -7.29
N ALA B 19 -14.05 7.77 -8.04
CA ALA B 19 -14.96 8.76 -7.48
C ALA B 19 -16.36 8.15 -7.30
N MSE B 20 -16.70 7.18 -8.17
CA MSE B 20 -17.93 6.40 -8.08
C MSE B 20 -17.60 4.95 -7.71
O MSE B 20 -18.29 4.02 -8.13
CB MSE B 20 -18.74 6.59 -9.38
CG MSE B 20 -18.44 5.64 -10.55
SE MSE B 20 -19.75 5.87 -12.03
CE MSE B 20 -18.95 4.69 -13.38
N GLU B 21 -16.62 4.79 -6.81
CA GLU B 21 -16.30 3.46 -6.24
C GLU B 21 -16.23 3.70 -4.73
N ALA B 22 -15.52 4.75 -4.29
CA ALA B 22 -15.51 5.17 -2.90
C ALA B 22 -16.80 5.74 -2.32
N GLU B 23 -17.72 6.18 -3.19
CA GLU B 23 -19.12 6.39 -2.86
C GLU B 23 -20.03 5.24 -2.41
N VAL B 24 -19.63 3.98 -2.68
CA VAL B 24 -20.18 2.80 -2.01
C VAL B 24 -19.43 2.62 -0.69
N GLY B 25 -18.55 3.59 -0.36
CA GLY B 25 -18.04 3.76 1.00
C GLY B 25 -18.69 4.94 1.74
N ARG B 26 -19.71 5.59 1.13
CA ARG B 26 -20.47 6.66 1.75
C ARG B 26 -21.71 5.97 2.34
N LEU B 27 -22.22 4.92 1.67
CA LEU B 27 -23.43 4.31 2.19
C LEU B 27 -23.09 3.43 3.40
N CYS B 28 -21.83 3.02 3.55
CA CYS B 28 -21.37 2.20 4.66
C CYS B 28 -21.25 3.12 5.89
N VAL B 54 -19.94 -4.91 -15.54
CA VAL B 54 -19.63 -3.51 -15.18
C VAL B 54 -18.36 -3.85 -14.42
N VAL B 55 -17.26 -3.29 -14.70
CA VAL B 55 -16.00 -3.82 -14.12
C VAL B 55 -15.62 -3.07 -12.85
N ALA B 56 -15.23 -3.81 -11.81
CA ALA B 56 -14.76 -3.27 -10.54
C ALA B 56 -13.23 -3.09 -10.55
N MSE B 57 -12.77 -1.88 -10.11
CA MSE B 57 -11.35 -1.55 -9.87
C MSE B 57 -10.53 -2.53 -9.05
O MSE B 57 -10.91 -2.88 -7.94
CB MSE B 57 -11.21 -0.34 -8.92
CG MSE B 57 -11.78 0.98 -9.42
SE MSE B 57 -11.07 1.47 -11.22
CE MSE B 57 -12.25 0.36 -12.34
N PRO B 58 -9.35 -2.98 -9.58
CA PRO B 58 -8.51 -3.97 -8.87
C PRO B 58 -7.46 -3.26 -8.00
N HIS B 59 -7.69 -3.17 -6.69
CA HIS B 59 -6.70 -2.52 -5.80
C HIS B 59 -5.90 -3.59 -5.07
N LYS B 60 -6.48 -4.76 -5.04
CA LYS B 60 -5.87 -5.90 -4.35
C LYS B 60 -4.66 -6.42 -5.14
N LYS B 61 -4.75 -6.29 -6.48
CA LYS B 61 -3.88 -7.00 -7.39
C LYS B 61 -2.55 -6.23 -7.57
N PHE B 62 -2.39 -5.03 -7.00
CA PHE B 62 -1.15 -4.30 -7.15
C PHE B 62 -0.73 -3.74 -5.81
N ILE B 63 0.58 -3.69 -5.53
CA ILE B 63 1.07 -3.04 -4.33
C ILE B 63 2.46 -2.44 -4.54
N ASN B 64 2.71 -1.36 -3.82
CA ASN B 64 4.01 -0.77 -3.70
C ASN B 64 4.87 -1.56 -2.68
N VAL B 65 5.80 -2.37 -3.20
CA VAL B 65 6.65 -3.19 -2.35
C VAL B 65 7.54 -2.33 -1.46
N MSE B 66 7.82 -1.07 -1.86
CA MSE B 66 8.59 -0.20 -0.99
C MSE B 66 7.89 -0.03 0.38
O MSE B 66 8.56 0.30 1.36
CB MSE B 66 8.80 1.14 -1.69
CG MSE B 66 9.75 2.14 -0.96
SE MSE B 66 11.52 1.35 -0.60
CE MSE B 66 12.50 2.06 -2.16
N GLU B 67 6.55 -0.16 0.46
CA GLU B 67 5.82 0.09 1.70
C GLU B 67 6.29 -0.83 2.83
N GLU B 68 6.43 -2.12 2.48
CA GLU B 68 6.97 -3.18 3.30
C GLU B 68 8.38 -2.87 3.77
N MSE B 69 9.30 -2.51 2.85
CA MSE B 69 10.68 -2.18 3.20
C MSE B 69 10.72 -1.00 4.17
O MSE B 69 11.51 -1.01 5.09
CB MSE B 69 11.53 -1.81 1.99
CG MSE B 69 11.45 -2.70 0.78
SE MSE B 69 11.77 -4.61 1.14
CE MSE B 69 13.73 -4.63 1.38
N VAL B 70 9.97 0.06 3.91
CA VAL B 70 10.00 1.23 4.75
C VAL B 70 9.47 0.92 6.17
N LEU B 71 8.39 0.13 6.27
CA LEU B 71 7.77 -0.14 7.57
C LEU B 71 8.75 -0.94 8.43
N THR B 72 9.42 -1.94 7.82
CA THR B 72 10.45 -2.74 8.46
C THR B 72 11.54 -1.81 9.00
N GLU B 73 12.00 -0.81 8.22
CA GLU B 73 13.07 0.07 8.67
C GLU B 73 12.53 1.03 9.74
N VAL B 74 11.25 1.40 9.67
CA VAL B 74 10.65 2.27 10.68
C VAL B 74 10.56 1.52 12.00
N VAL B 75 10.03 0.31 12.00
CA VAL B 75 10.02 -0.46 13.22
C VAL B 75 11.46 -0.65 13.73
N SER B 76 12.42 -0.86 12.84
CA SER B 76 13.76 -1.15 13.31
C SER B 76 14.37 0.08 13.98
N GLN B 77 13.97 1.28 13.54
CA GLN B 77 14.51 2.52 14.07
C GLN B 77 13.78 3.00 15.32
N VAL B 78 12.45 2.80 15.42
CA VAL B 78 11.71 3.36 16.55
C VAL B 78 11.61 2.38 17.71
N SER B 79 12.25 1.21 17.61
CA SER B 79 12.15 0.19 18.63
C SER B 79 12.58 0.70 20.00
N LYS B 80 13.70 1.44 20.03
CA LYS B 80 14.35 1.91 21.25
C LYS B 80 13.40 2.62 22.23
N TYR B 81 12.40 3.31 21.67
CA TYR B 81 11.52 4.20 22.41
C TYR B 81 10.40 3.41 23.11
N GLN B 82 10.30 2.10 22.81
CA GLN B 82 9.25 1.22 23.30
C GLN B 82 9.49 0.85 24.78
N LYS B 83 10.68 1.16 25.31
CA LYS B 83 11.03 0.88 26.70
C LYS B 83 10.99 2.15 27.54
N THR B 84 10.33 3.19 27.02
CA THR B 84 10.20 4.46 27.76
C THR B 84 8.77 4.56 28.30
N THR B 85 8.53 5.69 28.96
CA THR B 85 7.22 5.95 29.59
C THR B 85 6.14 6.17 28.53
N GLU B 86 6.24 7.28 27.79
CA GLU B 86 5.08 7.54 26.90
C GLU B 86 5.52 7.82 25.45
N LYS B 87 4.53 8.02 24.58
CA LYS B 87 4.55 8.73 23.27
C LYS B 87 5.20 8.12 22.03
N GLN B 88 5.06 6.82 21.87
CA GLN B 88 5.62 6.15 20.67
C GLN B 88 5.40 6.88 19.34
N PRO B 89 6.46 7.10 18.53
CA PRO B 89 6.35 7.79 17.26
C PRO B 89 5.37 7.19 16.24
N ASP B 90 4.62 8.07 15.57
CA ASP B 90 3.59 7.65 14.65
C ASP B 90 4.23 7.05 13.40
N ILE B 91 3.97 5.76 13.12
CA ILE B 91 4.60 5.05 12.03
C ILE B 91 4.09 5.54 10.66
N ALA B 92 2.77 5.84 10.57
CA ALA B 92 2.21 6.27 9.31
C ALA B 92 2.91 7.56 8.87
N ASP B 93 2.97 8.56 9.76
CA ASP B 93 3.67 9.80 9.49
C ASP B 93 5.10 9.55 8.98
N ILE B 94 5.83 8.60 9.60
CA ILE B 94 7.24 8.41 9.24
C ILE B 94 7.33 7.67 7.91
N ALA B 95 6.49 6.64 7.72
CA ALA B 95 6.52 5.88 6.49
C ALA B 95 6.10 6.73 5.29
N ALA B 96 5.18 7.67 5.47
CA ALA B 96 4.61 8.37 4.33
C ALA B 96 5.64 9.40 3.90
N TYR B 97 6.24 10.07 4.86
CA TYR B 97 7.29 11.02 4.54
C TYR B 97 8.33 10.30 3.65
N ALA B 98 8.79 9.14 4.13
CA ALA B 98 9.88 8.44 3.49
C ALA B 98 9.43 7.90 2.12
N LEU B 99 8.18 7.46 2.02
CA LEU B 99 7.74 6.82 0.80
C LEU B 99 7.69 7.82 -0.37
N ASN B 100 7.43 9.10 -0.03
CA ASN B 100 7.39 10.20 -0.97
C ASN B 100 8.79 10.63 -1.47
N ARG B 101 9.85 10.07 -0.87
CA ARG B 101 11.22 10.38 -1.21
C ARG B 101 11.94 9.08 -1.60
N LEU B 102 11.21 8.02 -1.99
CA LEU B 102 11.84 6.83 -2.51
C LEU B 102 11.19 6.41 -3.84
N PRO B 103 11.88 5.59 -4.68
CA PRO B 103 11.27 5.05 -5.89
C PRO B 103 10.07 4.17 -5.56
N PRO B 104 8.93 4.36 -6.29
CA PRO B 104 7.82 3.44 -6.16
C PRO B 104 8.28 2.08 -6.68
N LEU B 105 7.79 1.00 -6.04
CA LEU B 105 8.12 -0.38 -6.51
C LEU B 105 6.80 -1.14 -6.64
N TYR B 106 5.98 -0.76 -7.62
CA TYR B 106 4.63 -1.38 -7.76
C TYR B 106 4.71 -2.70 -8.52
N ALA B 107 4.16 -3.77 -7.94
CA ALA B 107 4.11 -5.05 -8.64
C ALA B 107 2.70 -5.61 -8.53
N THR B 108 2.44 -6.61 -9.40
CA THR B 108 1.15 -7.25 -9.47
C THR B 108 1.25 -8.79 -9.43
N SER B 109 2.48 -9.32 -9.53
CA SER B 109 2.77 -10.74 -9.46
C SER B 109 3.77 -11.01 -8.34
N GLU B 110 3.93 -12.31 -7.98
CA GLU B 110 4.79 -12.71 -6.87
C GLU B 110 6.25 -12.61 -7.31
N GLU B 111 6.45 -12.91 -8.59
CA GLU B 111 7.74 -12.78 -9.23
C GLU B 111 8.14 -11.31 -9.29
N GLY B 112 7.18 -10.44 -9.63
CA GLY B 112 7.48 -9.03 -9.81
C GLY B 112 7.87 -8.40 -8.49
N ALA B 113 7.12 -8.81 -7.45
CA ALA B 113 7.37 -8.47 -6.06
C ALA B 113 8.75 -8.95 -5.62
N GLU B 114 9.14 -10.17 -5.98
CA GLU B 114 10.46 -10.62 -5.54
C GLU B 114 11.54 -9.74 -6.17
N TYR B 115 11.42 -9.40 -7.47
CA TYR B 115 12.37 -8.50 -8.13
C TYR B 115 12.44 -7.14 -7.44
N GLN B 116 11.31 -6.60 -7.00
CA GLN B 116 11.28 -5.29 -6.37
C GLN B 116 11.95 -5.37 -4.98
N ARG B 117 11.74 -6.46 -4.22
CA ARG B 117 12.46 -6.72 -2.97
C ARG B 117 13.97 -6.89 -3.16
N GLN B 118 14.41 -7.63 -4.17
CA GLN B 118 15.84 -7.83 -4.37
C GLN B 118 16.52 -6.49 -4.67
N ARG B 119 15.91 -5.69 -5.54
CA ARG B 119 16.38 -4.34 -5.86
C ARG B 119 16.45 -3.50 -4.60
N ALA B 120 15.42 -3.45 -3.75
CA ALA B 120 15.47 -2.53 -2.63
C ALA B 120 16.57 -2.96 -1.65
N SER B 121 16.60 -4.25 -1.37
CA SER B 121 17.58 -4.84 -0.47
C SER B 121 19.02 -4.74 -0.98
N GLU B 122 19.22 -4.72 -2.31
CA GLU B 122 20.57 -4.75 -2.87
C GLU B 122 21.00 -3.35 -3.29
N GLU B 123 20.09 -2.41 -3.56
CA GLU B 123 20.50 -1.13 -4.14
C GLU B 123 20.04 0.08 -3.30
N LEU B 124 18.99 -0.05 -2.47
CA LEU B 124 18.32 1.10 -1.91
C LEU B 124 18.39 1.17 -0.39
N GLU B 125 19.24 0.33 0.18
CA GLU B 125 19.28 0.11 1.61
C GLU B 125 19.63 1.38 2.37
N PHE B 126 20.60 2.16 1.87
CA PHE B 126 21.03 3.37 2.56
C PHE B 126 20.08 4.54 2.34
N LEU B 127 19.51 4.58 1.14
CA LEU B 127 18.49 5.53 0.77
C LEU B 127 17.29 5.36 1.70
N ILE B 128 16.90 4.10 1.92
CA ILE B 128 15.74 3.84 2.76
C ILE B 128 15.98 4.29 4.21
N GLN B 129 17.17 4.01 4.78
CA GLN B 129 17.50 4.41 6.15
C GLN B 129 17.44 5.93 6.32
N GLN B 130 18.17 6.68 5.48
CA GLN B 130 18.21 8.13 5.58
C GLN B 130 16.79 8.71 5.61
N GLN B 131 15.93 8.27 4.69
CA GLN B 131 14.60 8.87 4.61
C GLN B 131 13.78 8.50 5.85
N VAL B 132 13.93 7.28 6.36
CA VAL B 132 13.20 6.91 7.56
C VAL B 132 13.70 7.76 8.72
N LYS B 133 14.99 8.05 8.72
CA LYS B 133 15.62 8.85 9.75
C LYS B 133 15.21 10.31 9.61
N ASP B 134 15.20 10.83 8.37
CA ASP B 134 14.65 12.15 8.14
C ASP B 134 13.21 12.22 8.66
N GLY B 135 12.45 11.15 8.39
CA GLY B 135 11.02 11.14 8.73
C GLY B 135 10.82 11.17 10.25
N LEU B 136 11.63 10.36 10.95
CA LEU B 136 11.61 10.26 12.39
C LEU B 136 11.95 11.61 13.04
N GLY B 137 12.97 12.27 12.51
CA GLY B 137 13.38 13.57 12.99
C GLY B 137 12.34 14.67 12.73
N ARG B 138 11.60 14.51 11.64
CA ARG B 138 10.49 15.39 11.27
C ARG B 138 9.32 15.18 12.23
N TYR B 139 9.02 13.92 12.53
CA TYR B 139 7.96 13.58 13.45
C TYR B 139 8.24 14.20 14.82
N PHE B 140 9.46 13.97 15.34
CA PHE B 140 9.82 14.48 16.66
C PHE B 140 9.78 16.00 16.66
N ASP B 141 10.14 16.64 15.54
CA ASP B 141 10.12 18.10 15.48
C ASP B 141 8.68 18.63 15.56
N ARG B 142 7.71 17.89 14.96
CA ARG B 142 6.29 18.32 15.07
C ARG B 142 5.43 17.07 15.21
N PRO B 143 5.18 16.56 16.50
CA PRO B 143 4.54 15.25 16.60
C PRO B 143 3.10 15.24 16.08
N GLN B 144 2.41 16.36 16.24
CA GLN B 144 1.11 16.57 15.62
C GLN B 144 1.10 17.92 14.90
N ILE B 145 0.19 18.02 13.93
CA ILE B 145 0.08 19.15 13.02
C ILE B 145 -1.37 19.61 13.14
N ALA B 146 -1.58 20.94 13.20
CA ALA B 146 -2.89 21.51 13.47
C ALA B 146 -3.80 21.35 12.26
N ASP B 147 -5.12 21.34 12.50
CA ASP B 147 -6.15 21.30 11.48
C ASP B 147 -5.97 20.06 10.60
N ARG B 148 -5.97 18.88 11.22
CA ARG B 148 -5.67 17.67 10.42
C ARG B 148 -6.57 16.50 10.80
N LYS B 149 -7.48 16.13 9.91
CA LYS B 149 -8.39 14.98 10.09
C LYS B 149 -7.76 13.79 9.39
N PRO B 150 -7.56 12.68 10.12
CA PRO B 150 -7.03 11.48 9.51
C PRO B 150 -8.10 10.74 8.68
N LEU B 151 -7.68 9.71 7.97
CA LEU B 151 -8.35 9.17 6.76
C LEU B 151 -8.67 7.68 6.74
N GLU B 152 -9.95 7.31 6.71
CA GLU B 152 -10.27 5.91 6.47
C GLU B 152 -10.57 5.58 5.02
N PRO B 153 -10.74 4.33 4.59
CA PRO B 153 -11.54 3.84 3.45
C PRO B 153 -12.97 3.40 3.83
P1 C2E C . 7.63 -2.41 -14.08
O2P C2E C . 8.42 -2.83 -15.28
O1P C2E C . 7.53 -0.95 -13.70
O5' C2E C . 6.21 -3.12 -14.31
C5' C2E C . 5.19 -2.79 -13.32
C4' C2E C . 3.93 -3.56 -13.63
O4' C2E C . 3.37 -3.11 -14.90
C3' C2E C . 4.13 -5.06 -13.82
O3' C2E C . 4.18 -5.68 -12.56
C2' C2E C . 2.90 -5.43 -14.65
O2' C2E C . 1.71 -5.60 -13.90
C1' C2E C . 2.76 -4.19 -15.56
N9 C2E C . 3.35 -4.39 -16.88
C8 C2E C . 4.59 -4.00 -17.30
N7 C2E C . 4.88 -4.40 -18.52
C5 C2E C . 3.73 -5.08 -18.94
C6 C2E C . 3.41 -5.71 -20.17
O6 C2E C . 4.10 -5.82 -21.17
N1 C2E C . 2.16 -6.30 -20.15
C2 C2E C . 1.30 -6.31 -19.09
N2 C2E C . 0.14 -6.94 -19.31
N3 C2E C . 1.58 -5.72 -17.93
C4 C2E C . 2.79 -5.12 -17.92
P11 C2E C . 5.07 -7.02 -12.44
O21 C2E C . 4.92 -8.00 -13.57
O11 C2E C . 4.69 -7.57 -11.09
O5A C2E C . 6.59 -6.53 -12.39
C5A C2E C . 6.89 -5.65 -11.28
C4A C2E C . 8.28 -5.15 -11.47
O4A C2E C . 9.17 -6.29 -11.45
C3A C2E C . 8.55 -4.47 -12.81
O3A C2E C . 8.27 -3.07 -12.76
C2A C2E C . 10.05 -4.67 -12.94
O2A C2E C . 10.77 -3.75 -12.17
C1A C2E C . 10.25 -6.06 -12.34
N91 C2E C . 10.29 -7.11 -13.34
C81 C2E C . 9.27 -7.69 -14.08
N71 C2E C . 9.69 -8.62 -14.90
C51 C2E C . 11.07 -8.64 -14.69
C61 C2E C . 12.07 -9.45 -15.28
O61 C2E C . 11.93 -10.32 -16.14
N11 C2E C . 13.33 -9.12 -14.76
C21 C2E C . 13.60 -8.16 -13.80
N21 C2E C . 14.87 -7.99 -13.41
N31 C2E C . 12.65 -7.43 -13.23
C41 C2E C . 11.43 -7.71 -13.74
P1 C2E D . 0.02 14.71 5.19
O2P C2E D . 0.05 15.75 6.27
O1P C2E D . -1.18 13.92 4.74
O5' C2E D . 0.65 15.52 3.96
C5' C2E D . 0.52 14.96 2.66
C4' C2E D . 1.21 15.91 1.72
O4' C2E D . 0.47 17.15 1.64
C3' C2E D . 2.61 16.34 2.14
O3' C2E D . 3.55 15.30 1.81
C2' C2E D . 2.76 17.59 1.26
O2' C2E D . 3.08 17.20 -0.07
C1' C2E D . 1.36 18.18 1.31
N9 C2E D . 1.18 19.26 2.26
C8 C2E D . 0.98 19.20 3.62
N7 C2E D . 0.84 20.38 4.18
C5 C2E D . 0.91 21.27 3.12
C6 C2E D . 0.79 22.68 3.08
O6 C2E D . 0.61 23.46 4.03
N1 C2E D . 0.92 23.18 1.79
C2 C2E D . 1.13 22.42 0.65
N2 C2E D . 1.23 23.03 -0.52
N3 C2E D . 1.23 21.09 0.69
C4 C2E D . 1.12 20.59 1.94
P11 C2E D . 4.95 15.21 2.57
O21 C2E D . 5.60 16.55 2.76
O11 C2E D . 5.88 14.24 1.89
O5A C2E D . 4.43 14.57 3.95
C5A C2E D . 3.87 13.24 3.91
C4A C2E D . 3.39 12.86 5.29
O4A C2E D . 4.50 12.83 6.21
C3A C2E D . 2.39 13.81 5.97
O3A C2E D . 1.05 13.53 5.56
C2A C2E D . 2.55 13.36 7.42
O2A C2E D . 1.98 12.09 7.63
C1A C2E D . 4.07 13.23 7.51
N91 C2E D . 4.74 14.47 7.91
C81 C2E D . 5.39 15.40 7.13
N71 C2E D . 5.90 16.39 7.83
C51 C2E D . 5.57 16.10 9.14
C61 C2E D . 5.83 16.82 10.34
O61 C2E D . 6.46 17.88 10.47
N11 C2E D . 5.32 16.14 11.45
C21 C2E D . 4.62 14.96 11.42
N21 C2E D . 4.19 14.45 12.59
N31 C2E D . 4.36 14.29 10.30
C41 C2E D . 4.85 14.92 9.20
#